data_5MTF
#
_entry.id   5MTF
#
_cell.length_a   111.365
_cell.length_b   111.365
_cell.length_c   124.539
_cell.angle_alpha   90.00
_cell.angle_beta   90.00
_cell.angle_gamma   120.00
#
_symmetry.space_group_name_H-M   'H 3 2'
#
loop_
_entity.id
_entity.type
_entity.pdbx_description
1 polymer 'Rhomboid protease GlpG'
2 polymer inhibitor
3 non-polymer 'CHLORIDE ION'
4 non-polymer 'nonyl beta-D-glucopyranoside'
5 water water
#
loop_
_entity_poly.entity_id
_entity_poly.type
_entity_poly.pdbx_seq_one_letter_code
_entity_poly.pdbx_strand_id
1 'polypeptide(L)'
;AALRERAGPVTWVMMIACVVVFIAMQILGDQEVMLWLAWPFDPTLKFEFWRYFTHALMHFSLMHILFNLLWWWYLGGAVE
KRLGSGKLIVITLISALLSGYVQQKFSGPWFGGLSGVVYALMGYVWLRGERDPQSGIYLQRGLIIFALIWIVAGWFDLFG
MSMANGAHIAGLAVGLAMAFVDSLNARKRK
;
A
2 'polypeptide(L)' (ACE)RVRH(W6Q) C
#
loop_
_chem_comp.id
_chem_comp.type
_chem_comp.name
_chem_comp.formula
ACE non-polymer 'ACETYL GROUP' 'C2 H4 O'
BNG D-saccharide 'nonyl beta-D-glucopyranoside' 'C15 H30 O6'
CL non-polymer 'CHLORIDE ION' 'Cl -1'
W6Q non-polymer (2~{R},3~{S})-3-azanyl-~{N}-[(2,5-dimethylphenyl)methyl]-2-oxidanyl-butanamide 'C13 H20 N2 O2'
#
# COMPACT_ATOMS: atom_id res chain seq x y z
N GLU A 5 17.60 13.15 -7.26
CA GLU A 5 18.66 12.10 -7.29
C GLU A 5 18.30 10.79 -6.53
N ARG A 6 17.57 10.90 -5.39
CA ARG A 6 17.29 9.75 -4.56
C ARG A 6 16.02 9.82 -3.70
N ALA A 7 15.51 8.64 -3.34
CA ALA A 7 14.35 8.43 -2.46
C ALA A 7 14.46 9.23 -1.16
N GLY A 8 13.43 10.01 -0.83
CA GLY A 8 13.40 10.71 0.47
C GLY A 8 13.27 9.79 1.69
N PRO A 9 13.28 10.39 2.91
CA PRO A 9 13.29 9.62 4.17
C PRO A 9 12.07 8.71 4.39
N VAL A 10 10.87 9.17 4.00
CA VAL A 10 9.68 8.33 4.18
C VAL A 10 9.67 7.16 3.19
N THR A 11 9.95 7.46 1.94
CA THR A 11 10.10 6.41 0.90
C THR A 11 11.08 5.36 1.37
N TRP A 12 12.23 5.80 1.84
CA TRP A 12 13.27 4.86 2.29
C TRP A 12 12.91 4.06 3.52
N VAL A 13 12.37 4.72 4.54
CA VAL A 13 12.07 4.02 5.78
C VAL A 13 11.00 2.98 5.61
N MET A 14 10.03 3.21 4.74
CA MET A 14 9.05 2.15 4.43
C MET A 14 9.70 0.94 3.76
N MET A 15 10.61 1.20 2.82
CA MET A 15 11.32 0.11 2.13
C MET A 15 12.12 -0.68 3.08
N ILE A 16 12.85 -0.01 3.95
CA ILE A 16 13.67 -0.71 4.93
C ILE A 16 12.81 -1.50 5.90
N ALA A 17 11.75 -0.88 6.41
CA ALA A 17 10.82 -1.60 7.28
C ALA A 17 10.23 -2.86 6.63
N CYS A 18 9.83 -2.75 5.37
CA CYS A 18 9.35 -3.98 4.68
C CYS A 18 10.42 -5.07 4.53
N VAL A 19 11.67 -4.68 4.25
CA VAL A 19 12.75 -5.70 4.12
C VAL A 19 13.02 -6.35 5.49
N VAL A 20 13.07 -5.52 6.51
CA VAL A 20 13.35 -5.99 7.85
C VAL A 20 12.27 -7.00 8.27
N VAL A 21 10.99 -6.66 8.01
CA VAL A 21 9.90 -7.60 8.26
C VAL A 21 10.00 -8.84 7.42
N PHE A 22 10.33 -8.67 6.13
CA PHE A 22 10.49 -9.83 5.27
C PHE A 22 11.61 -10.80 5.75
N ILE A 23 12.73 -10.25 6.20
CA ILE A 23 13.86 -11.06 6.78
C ILE A 23 13.33 -11.82 8.01
N ALA A 24 12.66 -11.09 8.92
CA ALA A 24 12.07 -11.72 10.12
C ALA A 24 11.15 -12.86 9.75
N MET A 25 10.36 -12.69 8.70
CA MET A 25 9.44 -13.74 8.22
C MET A 25 10.20 -14.96 7.68
N GLN A 26 11.36 -14.75 7.08
CA GLN A 26 12.14 -15.90 6.61
C GLN A 26 12.81 -16.62 7.81
N ILE A 27 13.33 -15.87 8.79
CA ILE A 27 14.10 -16.44 9.92
C ILE A 27 13.16 -17.05 10.91
N LEU A 28 12.18 -16.27 11.36
CA LEU A 28 11.16 -16.75 12.30
C LEU A 28 10.02 -17.59 11.75
N GLY A 29 9.76 -17.50 10.45
CA GLY A 29 8.53 -18.01 9.83
C GLY A 29 7.41 -16.97 9.68
N ASP A 30 6.57 -17.15 8.68
CA ASP A 30 5.53 -16.16 8.34
C ASP A 30 4.50 -16.07 9.46
N GLN A 31 3.99 -17.23 9.87
CA GLN A 31 2.93 -17.31 10.96
C GLN A 31 3.33 -16.61 12.18
N GLU A 32 4.56 -16.80 12.61
CA GLU A 32 4.98 -16.18 13.86
C GLU A 32 4.98 -14.62 13.73
N VAL A 33 5.40 -14.10 12.58
CA VAL A 33 5.34 -12.67 12.35
C VAL A 33 3.88 -12.20 12.22
N MET A 34 3.04 -12.97 11.53
CA MET A 34 1.64 -12.61 11.39
CA MET A 34 1.66 -12.60 11.41
C MET A 34 0.99 -12.48 12.77
N LEU A 35 1.35 -13.38 13.70
CA LEU A 35 0.80 -13.23 15.05
C LEU A 35 1.00 -11.89 15.70
N TRP A 36 2.15 -11.29 15.41
CA TRP A 36 2.59 -10.02 15.97
C TRP A 36 1.99 -8.84 15.18
N LEU A 37 1.92 -8.98 13.86
CA LEU A 37 1.67 -7.78 12.99
C LEU A 37 0.36 -7.74 12.25
N ALA A 38 -0.38 -8.83 12.25
CA ALA A 38 -1.66 -8.88 11.53
C ALA A 38 -2.73 -8.00 12.20
N TRP A 39 -3.69 -7.55 11.38
CA TRP A 39 -4.94 -6.92 11.85
C TRP A 39 -5.46 -7.75 13.03
N PRO A 40 -6.00 -7.10 14.07
CA PRO A 40 -6.44 -7.87 15.24
C PRO A 40 -7.37 -9.02 14.89
N PHE A 41 -7.00 -10.23 15.30
CA PHE A 41 -7.75 -11.43 14.94
C PHE A 41 -8.47 -12.08 16.13
N ASP A 42 -8.37 -11.43 17.29
CA ASP A 42 -9.04 -11.80 18.53
C ASP A 42 -9.37 -10.54 19.28
N PRO A 43 -10.53 -10.51 20.01
CA PRO A 43 -10.88 -9.27 20.76
C PRO A 43 -9.83 -8.82 21.75
N THR A 44 -8.98 -9.73 22.21
CA THR A 44 -7.93 -9.33 23.14
C THR A 44 -6.84 -8.49 22.52
N LEU A 45 -6.82 -8.39 21.18
CA LEU A 45 -5.77 -7.63 20.53
C LEU A 45 -6.25 -6.28 20.00
N LYS A 46 -7.51 -5.92 20.29
CA LYS A 46 -8.16 -4.72 19.73
C LYS A 46 -7.46 -3.38 20.04
N PHE A 47 -6.80 -3.29 21.19
CA PHE A 47 -6.04 -2.05 21.55
C PHE A 47 -4.55 -2.06 21.11
N GLU A 48 -4.09 -3.12 20.44
CA GLU A 48 -2.76 -3.15 19.92
C GLU A 48 -2.77 -2.37 18.58
N PHE A 49 -2.69 -1.05 18.74
CA PHE A 49 -3.07 -0.11 17.66
CA PHE A 49 -3.04 -0.10 17.66
C PHE A 49 -2.22 -0.29 16.39
N TRP A 50 -0.94 -0.69 16.54
CA TRP A 50 -0.05 -0.88 15.41
C TRP A 50 -0.62 -1.81 14.37
N ARG A 51 -1.41 -2.79 14.80
CA ARG A 51 -1.97 -3.86 13.93
C ARG A 51 -2.90 -3.31 12.84
N TYR A 52 -3.51 -2.15 13.07
CA TYR A 52 -4.38 -1.55 12.08
C TYR A 52 -3.57 -1.01 10.88
N PHE A 53 -2.24 -0.98 10.99
CA PHE A 53 -1.34 -0.50 9.98
C PHE A 53 -0.29 -1.53 9.54
N THR A 54 0.21 -2.37 10.45
CA THR A 54 1.40 -3.20 10.16
C THR A 54 1.15 -4.36 9.24
N HIS A 55 -0.11 -4.70 8.96
CA HIS A 55 -0.46 -5.64 7.91
C HIS A 55 0.19 -5.22 6.59
N ALA A 56 0.40 -3.91 6.40
CA ALA A 56 0.98 -3.41 5.14
C ALA A 56 2.47 -3.77 4.93
N LEU A 57 3.13 -4.13 6.02
CA LEU A 57 4.57 -4.47 6.04
C LEU A 57 4.92 -5.85 5.71
N MET A 58 3.94 -6.74 5.70
CA MET A 58 4.21 -8.17 5.49
C MET A 58 4.07 -8.55 4.03
N HIS A 59 5.04 -9.30 3.52
CA HIS A 59 4.96 -9.88 2.21
C HIS A 59 5.36 -11.35 2.24
N PHE A 60 4.80 -12.11 1.31
CA PHE A 60 4.72 -13.60 1.38
C PHE A 60 5.54 -14.31 0.35
N SER A 61 6.21 -13.60 -0.55
CA SER A 61 7.06 -14.21 -1.56
C SER A 61 7.97 -13.17 -2.14
N LEU A 62 8.98 -13.61 -2.89
CA LEU A 62 9.80 -12.68 -3.59
C LEU A 62 9.05 -11.75 -4.57
N MET A 63 8.17 -12.30 -5.40
CA MET A 63 7.48 -11.47 -6.39
CA MET A 63 7.42 -11.52 -6.39
C MET A 63 6.54 -10.48 -5.64
N HIS A 64 5.97 -10.93 -4.52
CA HIS A 64 5.05 -10.09 -3.75
C HIS A 64 5.77 -8.82 -3.23
N ILE A 65 6.91 -9.01 -2.56
CA ILE A 65 7.65 -7.88 -2.05
C ILE A 65 8.25 -7.04 -3.18
N LEU A 66 8.82 -7.67 -4.21
CA LEU A 66 9.52 -6.93 -5.24
CA LEU A 66 9.51 -6.94 -5.27
C LEU A 66 8.60 -5.95 -5.97
N PHE A 67 7.43 -6.45 -6.38
CA PHE A 67 6.57 -5.58 -7.15
C PHE A 67 5.86 -4.53 -6.31
N ASN A 68 5.52 -4.86 -5.07
CA ASN A 68 4.99 -3.81 -4.16
C ASN A 68 6.03 -2.71 -3.95
N LEU A 69 7.26 -3.07 -3.61
CA LEU A 69 8.27 -2.06 -3.32
C LEU A 69 8.69 -1.28 -4.59
N LEU A 70 8.62 -1.91 -5.76
N LEU A 70 8.63 -1.91 -5.76
CA LEU A 70 8.98 -1.19 -7.00
CA LEU A 70 8.99 -1.15 -6.99
C LEU A 70 8.02 -0.04 -7.28
C LEU A 70 8.01 -0.02 -7.28
N TRP A 71 6.72 -0.31 -7.14
CA TRP A 71 5.69 0.71 -7.27
C TRP A 71 5.74 1.76 -6.19
N TRP A 72 5.92 1.33 -4.92
CA TRP A 72 6.10 2.29 -3.82
C TRP A 72 7.32 3.24 -4.04
N TRP A 73 8.45 2.67 -4.45
CA TRP A 73 9.66 3.42 -4.63
C TRP A 73 9.39 4.56 -5.68
N TYR A 74 8.76 4.18 -6.78
CA TYR A 74 8.42 5.13 -7.81
C TYR A 74 7.38 6.15 -7.38
N LEU A 75 6.21 5.70 -6.97
CA LEU A 75 5.11 6.61 -6.65
C LEU A 75 5.27 7.36 -5.33
N GLY A 76 5.64 6.62 -4.28
CA GLY A 76 5.98 7.24 -3.01
C GLY A 76 7.10 8.25 -3.21
N GLY A 77 8.13 7.88 -3.94
CA GLY A 77 9.25 8.82 -4.16
C GLY A 77 8.80 10.12 -4.84
N ALA A 78 7.91 9.97 -5.82
CA ALA A 78 7.37 11.12 -6.53
C ALA A 78 6.55 12.01 -5.57
N VAL A 79 5.67 11.39 -4.77
CA VAL A 79 4.87 12.16 -3.84
C VAL A 79 5.76 12.95 -2.89
N GLU A 80 6.74 12.27 -2.34
CA GLU A 80 7.60 12.84 -1.33
C GLU A 80 8.44 13.97 -1.90
N LYS A 81 8.99 13.75 -3.08
CA LYS A 81 9.75 14.79 -3.80
C LYS A 81 8.91 16.04 -4.14
N ARG A 82 7.72 15.88 -4.71
CA ARG A 82 6.91 17.00 -5.18
C ARG A 82 6.03 17.61 -4.13
N LEU A 83 5.49 16.82 -3.19
CA LEU A 83 4.52 17.29 -2.17
C LEU A 83 5.03 17.23 -0.72
N GLY A 84 6.13 16.53 -0.50
CA GLY A 84 6.78 16.47 0.77
C GLY A 84 6.51 15.20 1.56
N SER A 85 7.39 15.00 2.54
CA SER A 85 7.36 13.84 3.42
C SER A 85 6.03 13.71 4.18
N GLY A 86 5.52 14.80 4.78
CA GLY A 86 4.29 14.71 5.55
C GLY A 86 3.10 14.21 4.72
N LYS A 87 3.03 14.68 3.48
CA LYS A 87 1.95 14.23 2.58
C LYS A 87 2.00 12.73 2.38
N LEU A 88 3.22 12.20 2.15
CA LEU A 88 3.34 10.76 1.94
C LEU A 88 2.93 9.97 3.18
N ILE A 89 3.33 10.49 4.32
CA ILE A 89 2.99 9.85 5.61
C ILE A 89 1.45 9.73 5.75
N VAL A 90 0.76 10.84 5.53
CA VAL A 90 -0.72 10.83 5.70
C VAL A 90 -1.46 9.96 4.69
N ILE A 91 -1.03 9.98 3.41
CA ILE A 91 -1.61 9.07 2.42
C ILE A 91 -1.37 7.61 2.84
N THR A 92 -0.18 7.31 3.36
CA THR A 92 0.18 5.96 3.81
C THR A 92 -0.68 5.49 4.97
N LEU A 93 -0.82 6.34 5.97
CA LEU A 93 -1.63 5.95 7.14
C LEU A 93 -3.10 5.76 6.82
N ILE A 94 -3.66 6.66 6.03
CA ILE A 94 -5.10 6.59 5.69
C ILE A 94 -5.37 5.37 4.84
N SER A 95 -4.52 5.17 3.84
CA SER A 95 -4.74 4.01 2.92
C SER A 95 -4.52 2.69 3.64
N ALA A 96 -3.46 2.61 4.47
CA ALA A 96 -3.27 1.38 5.21
C ALA A 96 -4.43 1.05 6.15
N LEU A 97 -4.90 2.06 6.90
CA LEU A 97 -5.97 1.81 7.87
C LEU A 97 -7.29 1.44 7.17
N LEU A 98 -7.67 2.24 6.18
CA LEU A 98 -8.95 2.00 5.49
C LEU A 98 -8.96 0.73 4.62
N SER A 99 -7.85 0.46 3.97
CA SER A 99 -7.76 -0.76 3.14
C SER A 99 -7.79 -2.01 4.02
N GLY A 100 -7.18 -1.95 5.20
CA GLY A 100 -7.25 -3.06 6.14
C GLY A 100 -8.64 -3.29 6.66
N TYR A 101 -9.28 -2.18 7.06
CA TYR A 101 -10.69 -2.24 7.47
C TYR A 101 -11.61 -2.94 6.46
N VAL A 102 -11.58 -2.53 5.19
CA VAL A 102 -12.42 -3.17 4.19
C VAL A 102 -12.03 -4.61 3.91
N GLN A 103 -10.72 -4.89 3.86
CA GLN A 103 -10.31 -6.26 3.61
C GLN A 103 -10.81 -7.18 4.71
N GLN A 104 -10.62 -6.77 5.98
CA GLN A 104 -11.03 -7.63 7.09
C GLN A 104 -12.55 -7.84 7.08
N LYS A 105 -13.28 -6.78 6.71
CA LYS A 105 -14.75 -6.90 6.62
C LYS A 105 -15.17 -8.00 5.61
N PHE A 106 -14.58 -8.00 4.43
CA PHE A 106 -14.96 -8.93 3.34
C PHE A 106 -14.45 -10.35 3.74
N SER A 107 -13.20 -10.46 4.25
CA SER A 107 -12.51 -11.76 4.27
C SER A 107 -11.71 -12.19 5.50
N GLY A 108 -11.83 -11.44 6.59
CA GLY A 108 -11.12 -11.66 7.81
C GLY A 108 -9.71 -11.12 7.81
N PRO A 109 -9.00 -11.38 8.91
CA PRO A 109 -7.74 -10.66 9.19
C PRO A 109 -6.45 -11.22 8.59
N TRP A 110 -6.49 -12.30 7.83
CA TRP A 110 -5.25 -12.98 7.42
C TRP A 110 -4.86 -12.49 6.04
N PHE A 111 -4.26 -11.31 6.01
CA PHE A 111 -3.83 -10.67 4.75
C PHE A 111 -2.61 -9.82 5.05
N GLY A 112 -1.90 -9.44 4.01
CA GLY A 112 -0.79 -8.52 4.14
C GLY A 112 -0.31 -8.01 2.81
N GLY A 113 0.41 -6.89 2.92
CA GLY A 113 1.15 -6.31 1.84
C GLY A 113 0.90 -4.85 1.70
N LEU A 114 1.76 -4.23 0.91
CA LEU A 114 1.73 -2.79 0.73
C LEU A 114 0.80 -2.30 -0.39
N SER A 115 0.04 -3.19 -0.97
CA SER A 115 -0.69 -2.87 -2.18
C SER A 115 -1.97 -2.05 -1.97
N GLY A 116 -2.54 -2.02 -0.76
CA GLY A 116 -3.60 -1.01 -0.47
C GLY A 116 -3.04 0.39 -0.59
N VAL A 117 -1.82 0.58 -0.04
CA VAL A 117 -1.15 1.85 -0.10
C VAL A 117 -0.74 2.13 -1.56
N VAL A 118 -0.20 1.14 -2.23
CA VAL A 118 0.21 1.33 -3.63
C VAL A 118 -0.96 1.71 -4.54
N TYR A 119 -2.05 1.01 -4.45
CA TYR A 119 -3.18 1.35 -5.28
C TYR A 119 -3.72 2.76 -4.91
N ALA A 120 -3.68 3.13 -3.61
CA ALA A 120 -3.98 4.53 -3.25
C ALA A 120 -3.04 5.52 -3.97
N LEU A 121 -1.74 5.20 -3.99
CA LEU A 121 -0.78 6.07 -4.64
C LEU A 121 -1.01 6.18 -6.17
N MET A 122 -1.40 5.09 -6.81
CA MET A 122 -1.71 5.11 -8.21
C MET A 122 -2.85 6.09 -8.50
N GLY A 123 -3.94 5.93 -7.77
CA GLY A 123 -5.12 6.79 -7.92
C GLY A 123 -4.77 8.23 -7.60
N TYR A 124 -4.03 8.41 -6.53
CA TYR A 124 -3.73 9.73 -6.03
C TYR A 124 -2.89 10.51 -7.10
N VAL A 125 -1.77 9.93 -7.47
CA VAL A 125 -0.81 10.60 -8.36
C VAL A 125 -1.49 10.88 -9.69
N TRP A 126 -2.25 9.91 -10.20
CA TRP A 126 -2.93 10.09 -11.51
C TRP A 126 -3.95 11.24 -11.43
N LEU A 127 -4.84 11.16 -10.44
CA LEU A 127 -5.93 12.14 -10.32
C LEU A 127 -5.46 13.54 -9.96
N ARG A 128 -4.51 13.65 -9.06
CA ARG A 128 -3.96 14.94 -8.71
C ARG A 128 -3.28 15.59 -9.97
N GLY A 129 -2.59 14.79 -10.78
CA GLY A 129 -1.99 15.33 -12.00
C GLY A 129 -3.04 15.83 -12.97
N GLU A 130 -4.13 15.08 -13.12
CA GLU A 130 -5.25 15.46 -13.98
C GLU A 130 -6.00 16.67 -13.49
N ARG A 131 -6.28 16.74 -12.20
CA ARG A 131 -7.15 17.81 -11.71
C ARG A 131 -6.39 19.04 -11.24
N ASP A 132 -5.11 18.89 -10.95
CA ASP A 132 -4.31 19.94 -10.32
C ASP A 132 -2.89 19.88 -10.87
N PRO A 133 -2.77 20.09 -12.20
CA PRO A 133 -1.45 20.04 -12.85
C PRO A 133 -0.41 20.93 -12.21
N GLN A 134 -0.83 22.09 -11.69
CA GLN A 134 0.09 23.01 -11.00
C GLN A 134 0.73 22.47 -9.71
N SER A 135 0.22 21.35 -9.19
CA SER A 135 0.89 20.65 -8.08
C SER A 135 2.35 20.26 -8.41
N GLY A 136 2.64 20.03 -9.69
CA GLY A 136 3.95 19.49 -10.07
C GLY A 136 4.01 17.96 -10.04
N ILE A 137 2.90 17.30 -9.72
CA ILE A 137 2.92 15.86 -9.76
C ILE A 137 2.01 15.37 -10.87
N TYR A 138 2.37 14.21 -11.43
CA TYR A 138 1.50 13.55 -12.41
C TYR A 138 1.98 12.13 -12.67
N LEU A 139 1.10 11.32 -13.24
CA LEU A 139 1.44 9.94 -13.62
C LEU A 139 1.74 9.94 -15.13
N GLN A 140 3.01 9.73 -15.47
CA GLN A 140 3.46 9.73 -16.89
C GLN A 140 2.62 8.71 -17.67
N ARG A 141 2.36 9.03 -18.93
CA ARG A 141 1.46 8.24 -19.75
C ARG A 141 1.70 6.79 -19.76
N GLY A 142 2.94 6.42 -19.98
CA GLY A 142 3.30 4.98 -20.02
C GLY A 142 3.03 4.28 -18.73
N LEU A 143 3.27 4.98 -17.60
CA LEU A 143 2.96 4.38 -16.32
C LEU A 143 1.51 4.35 -16.00
N ILE A 144 0.70 5.19 -16.62
CA ILE A 144 -0.75 5.04 -16.53
C ILE A 144 -1.16 3.66 -17.06
N ILE A 145 -0.58 3.29 -18.23
CA ILE A 145 -0.90 2.02 -18.81
C ILE A 145 -0.58 0.87 -17.85
N PHE A 146 0.63 0.88 -17.32
CA PHE A 146 1.05 -0.22 -16.47
C PHE A 146 0.32 -0.22 -15.15
N ALA A 147 0.02 0.97 -14.63
CA ALA A 147 -0.85 1.06 -13.41
C ALA A 147 -2.20 0.49 -13.69
N LEU A 148 -2.77 0.84 -14.86
CA LEU A 148 -4.05 0.26 -15.26
C LEU A 148 -4.03 -1.25 -15.37
N ILE A 149 -2.97 -1.80 -15.97
CA ILE A 149 -2.84 -3.24 -16.08
C ILE A 149 -2.75 -3.87 -14.66
N TRP A 150 -1.92 -3.25 -13.78
CA TRP A 150 -1.83 -3.70 -12.36
C TRP A 150 -3.23 -3.74 -11.68
N ILE A 151 -4.04 -2.71 -11.92
CA ILE A 151 -5.44 -2.67 -11.40
C ILE A 151 -6.30 -3.80 -11.93
N VAL A 152 -6.30 -3.95 -13.25
CA VAL A 152 -6.99 -5.08 -13.89
C VAL A 152 -6.54 -6.41 -13.34
N ALA A 153 -5.21 -6.58 -13.21
CA ALA A 153 -4.68 -7.86 -12.73
C ALA A 153 -5.10 -8.15 -11.27
N GLY A 154 -5.09 -7.12 -10.42
CA GLY A 154 -5.60 -7.32 -9.03
C GLY A 154 -7.07 -7.68 -9.07
N TRP A 155 -7.86 -6.87 -9.80
CA TRP A 155 -9.28 -7.09 -9.84
C TRP A 155 -9.75 -8.44 -10.44
N PHE A 156 -9.07 -8.95 -11.48
CA PHE A 156 -9.48 -10.15 -12.13
C PHE A 156 -8.64 -11.31 -11.73
N ASP A 157 -7.81 -11.16 -10.69
CA ASP A 157 -7.11 -12.30 -10.13
C ASP A 157 -6.06 -12.93 -11.10
N LEU A 158 -5.20 -12.07 -11.66
CA LEU A 158 -4.28 -12.52 -12.72
C LEU A 158 -2.84 -12.68 -12.22
N PHE A 159 -2.64 -12.60 -10.89
CA PHE A 159 -1.29 -12.63 -10.35
C PHE A 159 -0.85 -14.02 -9.97
N GLY A 160 -1.74 -15.01 -10.01
CA GLY A 160 -1.42 -16.34 -9.51
C GLY A 160 -1.30 -16.43 -7.98
N MET A 161 -1.89 -15.47 -7.24
CA MET A 161 -1.87 -15.40 -5.76
C MET A 161 -3.28 -14.99 -5.33
N SER A 162 -3.76 -15.49 -4.21
CA SER A 162 -5.05 -15.09 -3.64
C SER A 162 -4.98 -13.54 -3.30
N MET A 163 -5.99 -12.81 -3.73
CA MET A 163 -6.02 -11.31 -3.73
C MET A 163 -6.80 -10.76 -2.56
N ALA A 164 -6.27 -9.69 -1.99
CA ALA A 164 -6.97 -8.91 -0.95
C ALA A 164 -7.82 -7.89 -1.70
N ASN A 165 -8.97 -8.38 -2.16
CA ASN A 165 -9.88 -7.60 -3.01
C ASN A 165 -10.41 -6.33 -2.32
N GLY A 166 -10.74 -6.48 -1.03
CA GLY A 166 -11.27 -5.35 -0.24
C GLY A 166 -10.21 -4.28 -0.07
N ALA A 167 -8.98 -4.72 0.29
CA ALA A 167 -7.86 -3.75 0.39
C ALA A 167 -7.63 -2.97 -0.89
N HIS A 168 -7.74 -3.68 -2.02
CA HIS A 168 -7.44 -3.07 -3.31
C HIS A 168 -8.46 -1.98 -3.67
N ILE A 169 -9.72 -2.32 -3.52
CA ILE A 169 -10.76 -1.32 -3.92
C ILE A 169 -10.81 -0.15 -2.94
N ALA A 170 -10.60 -0.44 -1.68
CA ALA A 170 -10.58 0.57 -0.66
C ALA A 170 -9.37 1.50 -0.80
N GLY A 171 -8.19 0.91 -1.12
CA GLY A 171 -7.01 1.76 -1.35
C GLY A 171 -7.16 2.70 -2.52
N LEU A 172 -7.56 2.15 -3.65
CA LEU A 172 -7.73 2.97 -4.87
C LEU A 172 -8.76 4.08 -4.59
N ALA A 173 -9.88 3.74 -3.97
CA ALA A 173 -10.90 4.77 -3.59
C ALA A 173 -10.34 5.90 -2.74
N VAL A 174 -9.56 5.52 -1.72
CA VAL A 174 -8.90 6.45 -0.80
C VAL A 174 -8.00 7.39 -1.57
N GLY A 175 -7.21 6.85 -2.46
CA GLY A 175 -6.23 7.66 -3.17
C GLY A 175 -6.90 8.67 -4.09
N LEU A 176 -7.96 8.20 -4.74
CA LEU A 176 -8.77 9.10 -5.59
C LEU A 176 -9.44 10.20 -4.73
N ALA A 177 -10.04 9.82 -3.59
CA ALA A 177 -10.72 10.78 -2.72
C ALA A 177 -9.77 11.86 -2.19
N MET A 178 -8.59 11.42 -1.78
CA MET A 178 -7.58 12.36 -1.30
C MET A 178 -7.12 13.33 -2.39
N ALA A 179 -7.01 12.81 -3.62
CA ALA A 179 -6.56 13.68 -4.74
C ALA A 179 -7.64 14.72 -5.01
N PHE A 180 -8.88 14.26 -4.96
CA PHE A 180 -10.03 15.13 -5.10
C PHE A 180 -9.99 16.27 -4.07
N VAL A 181 -9.87 15.88 -2.80
CA VAL A 181 -9.81 16.85 -1.74
C VAL A 181 -8.65 17.80 -1.93
N ASP A 182 -7.49 17.28 -2.28
CA ASP A 182 -6.28 18.09 -2.40
C ASP A 182 -6.29 19.02 -3.63
N SER A 183 -7.15 18.74 -4.61
CA SER A 183 -7.18 19.53 -5.82
CA SER A 183 -7.25 19.50 -5.85
C SER A 183 -8.15 20.72 -5.70
N LEU A 184 -8.98 20.73 -4.65
CA LEU A 184 -9.84 21.90 -4.39
C LEU A 184 -8.99 23.11 -3.93
N ASN A 185 -9.34 24.29 -4.43
CA ASN A 185 -8.58 25.52 -4.14
C ASN A 185 -9.36 26.41 -3.21
C ACE B 1 -5.61 -20.57 1.83
O ACE B 1 -5.77 -21.56 1.06
CH3 ACE B 1 -6.75 -20.24 2.80
N ARG B 2 -4.42 -19.95 1.91
CA ARG B 2 -3.95 -19.46 3.24
C ARG B 2 -4.03 -17.94 3.44
N VAL B 3 -3.19 -17.11 2.81
CA VAL B 3 -3.29 -15.64 3.09
C VAL B 3 -3.68 -14.88 1.83
N ARG B 4 -4.35 -13.73 1.98
CA ARG B 4 -4.65 -12.87 0.86
C ARG B 4 -3.56 -11.82 0.75
N HIS B 5 -3.21 -11.50 -0.52
CA HIS B 5 -2.05 -10.70 -0.83
C HIS B 5 -2.60 -9.38 -1.32
O12 W6Q B 6 0.18 -7.50 -3.10
C11 W6Q B 6 -0.98 -7.00 -3.08
C7 W6Q B 6 -1.45 -6.24 -1.79
O9 W6Q B 6 -0.26 -6.12 -1.06
C2 W6Q B 6 -2.55 -6.89 -0.97
C3 W6Q B 6 -2.88 -6.06 0.31
N1 W6Q B 6 -2.09 -8.20 -0.63
N13 W6Q B 6 -1.79 -7.09 -4.12
C15 W6Q B 6 -1.44 -7.62 -5.47
C18 W6Q B 6 -0.18 -6.88 -5.91
C33 W6Q B 6 -0.20 -5.49 -5.95
C28 W6Q B 6 0.99 -4.74 -6.26
C29 W6Q B 6 0.99 -3.26 -6.29
C26 W6Q B 6 2.14 -5.43 -6.55
C24 W6Q B 6 2.14 -6.82 -6.55
C19 W6Q B 6 1.01 -7.57 -6.24
C20 W6Q B 6 1.16 -9.06 -6.25
CL CL C . -11.08 -10.43 -0.52
CL CL D . 16.72 6.02 -4.66
C1 BNG E . 5.10 -2.69 18.35
C2 BNG E . 5.50 -3.52 19.57
C3 BNG E . 4.91 -2.90 20.83
C4 BNG E . 5.33 -1.44 20.95
C5 BNG E . 4.98 -0.67 19.67
C6 BNG E . 5.45 0.78 19.71
C1' BNG E . 5.10 -2.79 15.90
C2' BNG E . 6.15 -2.10 15.02
C3' BNG E . 6.60 -2.94 13.81
C4' BNG E . 7.97 -2.48 13.32
C5' BNG E . 8.42 -3.19 12.05
C6' BNG E . 9.95 -3.14 11.85
C7' BNG E . 10.45 -1.81 11.32
C8' BNG E . 11.95 -1.57 11.59
C9' BNG E . 12.51 -0.34 10.89
O1 BNG E . 5.65 -3.27 17.14
O2 BNG E . 5.04 -4.86 19.44
O3 BNG E . 5.30 -3.63 22.01
O4 BNG E . 4.67 -0.87 22.08
O5 BNG E . 5.53 -1.34 18.52
O6 BNG E . 4.50 1.63 19.05
C3' BNG F . -6.91 6.15 -18.64
C4' BNG F . -7.28 6.81 -17.31
C5' BNG F . -7.36 5.81 -16.17
C6' BNG F . -6.04 5.73 -15.38
C7' BNG F . -6.23 5.33 -13.93
C8' BNG F . -4.89 5.03 -13.25
C9' BNG F . -5.09 4.96 -11.75
C3' BNG G . -14.35 -0.34 -10.46
C4' BNG G . -13.79 -1.53 -9.68
C5' BNG G . -12.27 -1.62 -9.83
C6' BNG G . -11.55 -1.68 -8.48
C7' BNG G . -10.06 -1.95 -8.69
C8' BNG G . -9.27 -1.90 -7.39
C9' BNG G . -7.80 -2.23 -7.63
C1 BNG H . 13.28 6.32 -8.95
C2 BNG H . 14.41 7.35 -8.85
C3 BNG H . 14.46 7.87 -7.41
C4 BNG H . 13.10 8.40 -6.97
C5 BNG H . 11.90 7.53 -7.41
C6 BNG H . 10.61 8.35 -7.27
C1' BNG H . 12.34 4.58 -10.26
O1 BNG H . 13.29 5.65 -10.22
O2 BNG H . 15.67 6.79 -9.21
O3 BNG H . 15.42 8.92 -7.27
O4 BNG H . 13.10 8.48 -5.54
O5 BNG H . 12.03 6.98 -8.73
O6 BNG H . 9.88 8.66 -8.47
C1 BNG I . -6.19 0.73 27.02
C2 BNG I . -5.01 -0.11 27.50
C3 BNG I . -5.42 -1.57 27.60
C4 BNG I . -6.72 -1.78 28.37
C5 BNG I . -7.78 -0.69 28.13
C6 BNG I . -8.86 -0.69 29.22
C1' BNG I . -6.03 2.60 25.49
O1 BNG I . -5.81 2.10 26.81
O2 BNG I . -3.90 -0.01 26.61
O3 BNG I . -4.36 -2.29 28.25
O4 BNG I . -7.27 -3.05 27.97
O5 BNG I . -7.22 0.64 28.02
O6 BNG I . -10.10 -1.02 28.60
#